data_1A6H
#
_entry.id   1A6H
#
_cell.length_a   1.000
_cell.length_b   1.000
_cell.length_c   1.000
_cell.angle_alpha   90.00
_cell.angle_beta   90.00
_cell.angle_gamma   90.00
#
_symmetry.space_group_name_H-M   'P 1'
#
_entity_poly.entity_id   1
_entity_poly.type   'polydeoxyribonucleotide'
_entity_poly.pdbx_seq_one_letter_code
;(DG)(DC)(DG)(DG)(DT)(DT)(DT)(DG)(DC)(DG)(DG)
;
_entity_poly.pdbx_strand_id   A,B
#